data_3NJX
#
_entry.id   3NJX
#
_cell.length_a   77.071
_cell.length_b   77.071
_cell.length_c   171.099
_cell.angle_alpha   90.00
_cell.angle_beta   90.00
_cell.angle_gamma   90.00
#
_symmetry.space_group_name_H-M   'P 43 21 2'
#
loop_
_entity.id
_entity.type
_entity.pdbx_description
1 polymer 'Rhamnogalacturonase B'
2 non-polymer 'CALCIUM ION'
3 non-polymer 'SULFATE ION'
4 water water
#
_entity_poly.entity_id   1
_entity_poly.type   'polypeptide(L)'
_entity_poly.pdbx_seq_one_letter_code
;AFGITTSSSAYVIDTNAPNQLKFTVSRSSCDITSIIHYGTELQYSSQGSHIGSGLGSATVTATQSGDYIKVTCVTDTLTQ
YMVVHNGDPIIHMATYITAEPSIGELRFIARLNSDLLPNEEPFGDVSTTADGTAIEGSDVFLVGSETRSKFYSSERFIDD
QRHCIAGDAHRVCMILNQYESSSGGPFHRDINSNNGGSYNALYWYMNSGAVQTESYRMGLHGPYSMYFSRSGTPSTSIDT
SFFADLDIKGYVAASGRGKVAGTASGADSSMDWVVHWYNDAAQYWTYTSSSGSFTSPAMKPGTYTMVYYQGEYAVATSSV
TVSAGSTTTKNISGSVKTGTTIFKIGEWDGQPTGFRNAANQLRMHPSDSRMSSWGPLTYTVGSSALTDFPMAVFKSVNNP
VTIKFTATSAQTGAATLRIGTTLSFAGGRPQATINSYTGSAPAAPTNLDSRGVTRGAYRGLGEVYDVSIPSGTIVAGTNT
ITINVISGSSGDTYLSPNFIFDCVELFQ
;
_entity_poly.pdbx_strand_id   A
#
loop_
_chem_comp.id
_chem_comp.type
_chem_comp.name
_chem_comp.formula
CA non-polymer 'CALCIUM ION' 'Ca 2'
SO4 non-polymer 'SULFATE ION' 'O4 S -2'
#
# COMPACT_ATOMS: atom_id res chain seq x y z
N ALA A 1 13.51 30.20 21.86
CA ALA A 1 13.49 29.29 23.04
C ALA A 1 12.44 28.19 22.85
N PHE A 2 12.72 27.01 23.39
CA PHE A 2 11.77 25.91 23.43
C PHE A 2 10.56 26.32 24.25
N GLY A 3 9.36 26.15 23.68
CA GLY A 3 8.15 26.53 24.40
C GLY A 3 6.94 26.86 23.55
N ILE A 4 5.90 27.34 24.23
CA ILE A 4 4.60 27.62 23.64
C ILE A 4 4.32 29.13 23.74
N THR A 5 3.95 29.72 22.60
CA THR A 5 3.48 31.11 22.58
C THR A 5 1.97 31.10 22.35
N THR A 6 1.24 31.70 23.28
CA THR A 6 -0.22 31.70 23.27
C THR A 6 -0.78 33.03 22.78
N SER A 7 -1.68 32.95 21.81
CA SER A 7 -2.54 34.07 21.42
C SER A 7 -3.98 33.56 21.40
N SER A 8 -4.94 34.46 21.23
CA SER A 8 -6.36 34.08 21.23
C SER A 8 -6.70 33.09 20.11
N SER A 9 -6.01 33.19 18.98
CA SER A 9 -6.33 32.39 17.82
C SER A 9 -5.44 31.15 17.64
N ALA A 10 -4.27 31.15 18.30
CA ALA A 10 -3.25 30.14 18.00
C ALA A 10 -2.30 29.81 19.15
N TYR A 11 -1.70 28.62 19.06
CA TYR A 11 -0.49 28.28 19.80
C TYR A 11 0.65 28.23 18.80
N VAL A 12 1.75 28.92 19.11
CA VAL A 12 2.97 28.80 18.31
C VAL A 12 3.97 27.94 19.08
N ILE A 13 4.39 26.84 18.44
CA ILE A 13 5.28 25.86 19.04
C ILE A 13 6.68 26.02 18.46
N ASP A 14 7.66 26.20 19.35
CA ASP A 14 9.06 26.33 18.94
C ASP A 14 9.84 25.12 19.44
N THR A 15 10.32 24.31 18.50
CA THR A 15 11.03 23.07 18.82
C THR A 15 12.45 23.32 19.33
N ASN A 16 12.96 24.53 19.12
CA ASN A 16 14.34 24.88 19.48
C ASN A 16 15.37 24.01 18.72
N ALA A 17 15.01 23.58 17.51
CA ALA A 17 15.90 22.83 16.64
C ALA A 17 17.02 23.75 16.14
N PRO A 18 18.24 23.21 15.93
CA PRO A 18 19.38 24.02 15.49
C PRO A 18 19.08 24.86 14.25
N ASN A 19 18.48 24.25 13.23
CA ASN A 19 18.16 24.97 11.99
C ASN A 19 16.77 25.63 12.01
N GLN A 20 16.22 25.76 13.21
CA GLN A 20 14.92 26.39 13.48
C GLN A 20 13.72 25.66 12.92
N LEU A 21 12.82 25.27 13.82
CA LEU A 21 11.48 24.82 13.41
C LEU A 21 10.43 25.34 14.38
N LYS A 22 9.60 26.26 13.89
CA LYS A 22 8.44 26.76 14.61
C LYS A 22 7.20 26.45 13.78
N PHE A 23 6.08 26.19 14.45
CA PHE A 23 4.81 26.03 13.74
C PHE A 23 3.61 26.54 14.52
N THR A 24 2.57 26.92 13.78
CA THR A 24 1.38 27.54 14.35
C THR A 24 0.18 26.59 14.26
N VAL A 25 -0.46 26.35 15.40
CA VAL A 25 -1.67 25.52 15.45
C VAL A 25 -2.86 26.41 15.81
N SER A 26 -3.85 26.44 14.92
CA SER A 26 -5.10 27.15 15.19
C SER A 26 -5.81 26.57 16.40
N ARG A 27 -6.19 27.44 17.34
CA ARG A 27 -6.95 27.04 18.52
C ARG A 27 -8.42 26.77 18.20
N SER A 28 -8.85 27.17 17.01
CA SER A 28 -10.23 26.93 16.56
C SER A 28 -10.40 25.61 15.81
N SER A 29 -9.46 25.31 14.90
CA SER A 29 -9.62 24.18 13.98
C SER A 29 -8.58 23.07 14.17
N CYS A 30 -7.47 23.40 14.83
CA CYS A 30 -6.27 22.55 14.93
C CYS A 30 -5.47 22.47 13.63
N ASP A 31 -5.79 23.32 12.66
CA ASP A 31 -5.01 23.42 11.44
C ASP A 31 -3.58 23.89 11.76
N ILE A 32 -2.60 23.30 11.10
CA ILE A 32 -1.28 23.91 11.05
C ILE A 32 -1.33 24.96 9.94
N THR A 33 -1.15 26.22 10.33
CA THR A 33 -1.38 27.35 9.42
C THR A 33 -0.10 28.07 9.02
N SER A 34 0.99 27.77 9.74
CA SER A 34 2.31 28.33 9.46
C SER A 34 3.39 27.37 9.94
N ILE A 35 4.44 27.20 9.13
CA ILE A 35 5.61 26.42 9.50
C ILE A 35 6.86 27.19 9.07
N ILE A 36 7.68 27.55 10.04
CA ILE A 36 8.92 28.27 9.77
C ILE A 36 10.11 27.33 9.99
N HIS A 37 10.79 26.99 8.90
CA HIS A 37 12.02 26.20 8.96
C HIS A 37 13.16 26.99 8.35
N TYR A 38 14.24 27.13 9.12
CA TYR A 38 15.41 27.92 8.72
C TYR A 38 15.01 29.28 8.15
N GLY A 39 14.15 29.98 8.89
CA GLY A 39 13.68 31.32 8.53
C GLY A 39 12.74 31.40 7.34
N THR A 40 12.20 30.26 6.91
CA THR A 40 11.37 30.21 5.71
C THR A 40 9.98 29.60 5.97
N GLU A 41 8.96 30.29 5.47
CA GLU A 41 7.58 29.79 5.55
C GLU A 41 7.38 28.66 4.55
N LEU A 42 6.94 27.50 5.04
CA LEU A 42 6.74 26.32 4.20
C LEU A 42 5.28 25.94 3.99
N GLN A 43 4.40 26.48 4.84
CA GLN A 43 2.98 26.12 4.79
C GLN A 43 2.24 26.88 3.67
N TYR A 44 1.43 26.13 2.91
CA TYR A 44 0.50 26.71 1.93
C TYR A 44 -0.45 27.67 2.65
N SER A 45 -0.56 28.89 2.13
CA SER A 45 -1.23 29.98 2.86
C SER A 45 -2.76 29.92 2.87
N SER A 46 -3.35 29.28 1.86
CA SER A 46 -4.80 29.31 1.65
C SER A 46 -5.55 28.16 2.33
N GLN A 47 -4.81 27.12 2.71
CA GLN A 47 -5.41 25.92 3.30
C GLN A 47 -4.39 25.26 4.23
N GLY A 48 -4.86 24.83 5.40
CA GLY A 48 -3.97 24.31 6.45
C GLY A 48 -3.47 22.89 6.21
N SER A 49 -2.49 22.48 7.02
CA SER A 49 -2.05 21.09 7.08
C SER A 49 -2.79 20.45 8.25
N HIS A 50 -3.40 19.30 7.99
CA HIS A 50 -4.39 18.74 8.92
C HIS A 50 -4.81 17.32 8.60
N ILE A 51 -5.56 16.73 9.53
CA ILE A 51 -6.29 15.48 9.28
C ILE A 51 -7.38 15.72 8.22
N GLY A 52 -7.45 14.82 7.24
CA GLY A 52 -8.51 14.87 6.21
C GLY A 52 -8.48 16.13 5.38
N SER A 53 -9.60 16.84 5.37
CA SER A 53 -9.67 18.19 4.79
C SER A 53 -9.81 19.24 5.90
N GLY A 54 -9.44 18.85 7.12
CA GLY A 54 -9.51 19.73 8.27
C GLY A 54 -10.52 19.22 9.28
N LEU A 55 -10.21 19.39 10.56
CA LEU A 55 -11.14 19.01 11.62
C LEU A 55 -12.31 19.98 11.71
N GLY A 56 -12.11 21.20 11.19
CA GLY A 56 -13.14 22.23 11.21
C GLY A 56 -13.16 22.99 12.51
N SER A 57 -13.62 22.31 13.57
CA SER A 57 -13.58 22.83 14.93
C SER A 57 -13.06 21.75 15.87
N ALA A 58 -12.18 22.15 16.79
CA ALA A 58 -11.61 21.23 17.77
C ALA A 58 -11.29 21.95 19.07
N THR A 59 -11.27 21.21 20.17
CA THR A 59 -10.83 21.73 21.46
C THR A 59 -9.32 21.53 21.57
N VAL A 60 -8.59 22.64 21.62
CA VAL A 60 -7.12 22.62 21.54
C VAL A 60 -6.46 22.99 22.86
N THR A 61 -5.57 22.12 23.33
CA THR A 61 -4.74 22.41 24.49
C THR A 61 -3.27 22.20 24.15
N ALA A 62 -2.39 22.88 24.88
CA ALA A 62 -0.95 22.79 24.67
C ALA A 62 -0.23 22.81 26.00
N THR A 63 0.66 21.84 26.22
CA THR A 63 1.38 21.73 27.48
C THR A 63 2.83 21.26 27.32
N GLN A 64 3.71 21.80 28.16
CA GLN A 64 5.09 21.33 28.21
C GLN A 64 5.24 20.29 29.32
N SER A 65 5.92 19.19 29.00
CA SER A 65 6.29 18.17 29.98
C SER A 65 7.77 17.88 29.83
N GLY A 66 8.58 18.56 30.65
CA GLY A 66 10.04 18.46 30.56
C GLY A 66 10.56 18.98 29.24
N ASP A 67 11.27 18.12 28.52
CA ASP A 67 11.81 18.45 27.20
C ASP A 67 10.81 18.19 26.07
N TYR A 68 9.54 18.03 26.42
CA TYR A 68 8.50 17.71 25.44
C TYR A 68 7.34 18.70 25.49
N ILE A 69 6.75 18.95 24.33
CA ILE A 69 5.51 19.73 24.23
C ILE A 69 4.46 18.88 23.54
N LYS A 70 3.27 18.84 24.14
CA LYS A 70 2.15 18.11 23.59
C LYS A 70 1.02 19.07 23.26
N VAL A 71 0.55 19.01 22.01
CA VAL A 71 -0.63 19.72 21.58
C VAL A 71 -1.72 18.68 21.31
N THR A 72 -2.88 18.89 21.92
CA THR A 72 -3.99 17.95 21.84
C THR A 72 -5.20 18.63 21.20
N CYS A 73 -5.82 17.96 20.22
CA CYS A 73 -7.00 18.49 19.55
C CYS A 73 -8.15 17.50 19.60
N VAL A 74 -9.19 17.84 20.36
CA VAL A 74 -10.30 16.92 20.61
C VAL A 74 -11.54 17.27 19.77
N THR A 75 -12.02 16.27 19.03
CA THR A 75 -13.32 16.33 18.36
C THR A 75 -14.16 15.15 18.87
N ASP A 76 -15.41 15.05 18.43
CA ASP A 76 -16.32 13.99 18.89
C ASP A 76 -15.77 12.56 18.81
N THR A 77 -15.17 12.22 17.66
CA THR A 77 -14.70 10.84 17.43
C THR A 77 -13.20 10.75 17.09
N LEU A 78 -12.51 11.89 17.10
CA LEU A 78 -11.09 11.91 16.78
C LEU A 78 -10.32 12.86 17.69
N THR A 79 -9.20 12.37 18.22
CA THR A 79 -8.24 13.20 18.93
C THR A 79 -6.92 13.19 18.17
N GLN A 80 -6.49 14.38 17.76
CA GLN A 80 -5.21 14.57 17.09
C GLN A 80 -4.15 15.07 18.07
N TYR A 81 -2.99 14.43 18.06
CA TYR A 81 -1.87 14.81 18.92
C TYR A 81 -0.69 15.30 18.09
N MET A 82 -0.06 16.36 18.57
CA MET A 82 1.25 16.78 18.08
C MET A 82 2.22 16.87 19.25
N VAL A 83 3.37 16.21 19.11
CA VAL A 83 4.39 16.17 20.15
C VAL A 83 5.74 16.58 19.58
N VAL A 84 6.44 17.48 20.26
CA VAL A 84 7.81 17.85 19.87
C VAL A 84 8.80 17.64 21.02
N HIS A 85 10.06 17.40 20.65
CA HIS A 85 11.14 17.24 21.62
C HIS A 85 12.19 18.33 21.41
N ASN A 86 12.49 19.05 22.50
CA ASN A 86 13.51 20.10 22.52
C ASN A 86 14.75 19.71 21.72
N GLY A 87 15.03 20.47 20.67
CA GLY A 87 16.25 20.30 19.86
C GLY A 87 16.07 19.55 18.55
N ASP A 88 14.89 18.95 18.35
CA ASP A 88 14.63 18.10 17.19
C ASP A 88 13.67 18.77 16.21
N PRO A 89 14.04 18.86 14.92
CA PRO A 89 13.17 19.48 13.92
C PRO A 89 12.08 18.51 13.45
N ILE A 90 11.29 18.02 14.39
CA ILE A 90 10.30 16.98 14.09
C ILE A 90 8.95 17.33 14.71
N ILE A 91 7.89 17.17 13.93
CA ILE A 91 6.54 17.19 14.48
C ILE A 91 6.08 15.73 14.57
N HIS A 92 6.15 15.15 15.77
CA HIS A 92 5.62 13.81 16.00
C HIS A 92 4.11 13.89 16.15
N MET A 93 3.41 12.91 15.59
CA MET A 93 1.95 12.89 15.63
C MET A 93 1.40 11.50 15.90
N ALA A 94 0.17 11.47 16.40
CA ALA A 94 -0.60 10.24 16.55
C ALA A 94 -2.07 10.61 16.50
N THR A 95 -2.89 9.73 15.94
CA THR A 95 -4.30 10.03 15.69
C THR A 95 -5.20 8.96 16.28
N TYR A 96 -5.97 9.36 17.30
CA TYR A 96 -6.85 8.45 18.01
C TYR A 96 -8.30 8.54 17.52
N ILE A 97 -8.82 7.45 16.97
CA ILE A 97 -10.19 7.43 16.48
C ILE A 97 -11.05 6.40 17.23
N THR A 98 -12.29 6.78 17.50
CA THR A 98 -13.30 5.84 18.03
C THR A 98 -14.31 5.48 16.95
N ALA A 99 -14.26 6.22 15.84
CA ALA A 99 -15.06 5.94 14.66
C ALA A 99 -14.29 6.42 13.44
N GLU A 100 -14.50 5.77 12.30
CA GLU A 100 -13.89 6.21 11.04
C GLU A 100 -14.49 7.57 10.67
N PRO A 101 -13.63 8.51 10.21
CA PRO A 101 -14.14 9.80 9.71
C PRO A 101 -15.25 9.64 8.68
N SER A 102 -16.12 10.65 8.63
CA SER A 102 -17.28 10.68 7.73
C SER A 102 -16.96 10.36 6.28
N ILE A 103 -15.82 10.88 5.81
CA ILE A 103 -15.36 10.68 4.42
C ILE A 103 -15.04 9.21 4.08
N GLY A 104 -14.76 8.40 5.11
CA GLY A 104 -14.51 6.98 4.90
C GLY A 104 -13.05 6.64 4.62
N GLU A 105 -12.17 7.55 5.02
CA GLU A 105 -10.72 7.35 4.97
C GLU A 105 -10.09 8.13 6.13
N LEU A 106 -8.85 7.80 6.47
CA LEU A 106 -8.13 8.52 7.51
C LEU A 106 -6.74 8.90 7.01
N ARG A 107 -6.52 10.21 6.87
CA ARG A 107 -5.25 10.72 6.34
C ARG A 107 -4.79 11.95 7.10
N PHE A 108 -3.47 12.15 7.11
CA PHE A 108 -2.90 13.46 7.40
C PHE A 108 -2.33 14.01 6.11
N ILE A 109 -2.64 15.27 5.80
CA ILE A 109 -2.07 15.95 4.65
C ILE A 109 -1.31 17.20 5.05
N ALA A 110 -0.03 17.26 4.67
CA ALA A 110 0.73 18.49 4.77
C ALA A 110 0.69 19.18 3.41
N ARG A 111 0.07 20.36 3.36
CA ARG A 111 0.02 21.17 2.15
C ARG A 111 1.13 22.21 2.20
N LEU A 112 2.20 21.97 1.45
CA LEU A 112 3.42 22.77 1.57
C LEU A 112 3.79 23.50 0.28
N ASN A 113 4.61 24.55 0.44
CA ASN A 113 5.03 25.41 -0.67
C ASN A 113 5.74 24.63 -1.78
N SER A 114 5.14 24.59 -2.96
CA SER A 114 5.66 23.80 -4.08
C SER A 114 6.80 24.48 -4.84
N ASP A 115 6.97 25.79 -4.66
CA ASP A 115 8.12 26.50 -5.22
C ASP A 115 9.38 26.11 -4.47
N LEU A 116 9.25 25.98 -3.14
CA LEU A 116 10.37 25.57 -2.28
C LEU A 116 10.53 24.05 -2.21
N LEU A 117 9.43 23.32 -2.37
CA LEU A 117 9.46 21.87 -2.32
C LEU A 117 8.80 21.26 -3.57
N PRO A 118 9.46 21.40 -4.74
CA PRO A 118 8.84 20.93 -5.98
C PRO A 118 8.89 19.41 -6.19
N ASN A 119 9.86 18.75 -5.57
CA ASN A 119 10.17 17.35 -5.87
C ASN A 119 9.53 16.35 -4.91
N GLU A 120 9.39 15.11 -5.38
CA GLU A 120 8.76 14.05 -4.60
C GLU A 120 9.71 12.85 -4.54
N GLU A 121 9.84 12.27 -3.34
CA GLU A 121 10.84 11.23 -3.10
C GLU A 121 10.21 10.00 -2.45
N PRO A 122 10.62 8.79 -2.85
CA PRO A 122 11.73 8.45 -3.76
C PRO A 122 11.37 8.25 -5.26
N PHE A 123 10.12 8.45 -5.64
CA PHE A 123 9.68 8.06 -7.00
C PHE A 123 9.71 9.15 -8.07
N GLY A 124 9.95 10.39 -7.66
CA GLY A 124 10.08 11.49 -8.62
C GLY A 124 8.76 12.05 -9.11
N ASP A 125 8.74 12.58 -10.33
CA ASP A 125 7.62 13.39 -10.81
C ASP A 125 6.44 12.60 -11.38
N VAL A 126 6.43 11.28 -11.16
CA VAL A 126 5.31 10.44 -11.60
C VAL A 126 3.98 10.80 -10.92
N SER A 127 4.08 11.42 -9.75
CA SER A 127 2.91 11.89 -9.00
C SER A 127 2.75 13.42 -9.05
N THR A 128 3.57 14.06 -9.87
CA THR A 128 3.44 15.50 -10.12
C THR A 128 2.39 15.70 -11.22
N THR A 129 1.25 16.26 -10.82
CA THR A 129 0.10 16.43 -11.71
C THR A 129 -0.11 17.89 -12.11
N ALA A 130 0.74 18.78 -11.60
CA ALA A 130 0.71 20.20 -11.95
C ALA A 130 0.63 20.39 -13.46
N ASP A 131 -0.29 21.26 -13.90
CA ASP A 131 -0.55 21.57 -15.31
C ASP A 131 -1.15 20.39 -16.10
N GLY A 132 -1.67 19.41 -15.37
CA GLY A 132 -2.25 18.21 -15.98
C GLY A 132 -3.72 18.34 -16.32
N THR A 133 -4.12 17.66 -17.39
CA THR A 133 -5.52 17.56 -17.77
C THR A 133 -6.01 16.15 -17.42
N ALA A 134 -7.12 16.08 -16.70
CA ALA A 134 -7.67 14.81 -16.22
C ALA A 134 -8.03 13.85 -17.35
N ILE A 135 -7.62 12.59 -17.19
CA ILE A 135 -7.96 11.53 -18.14
C ILE A 135 -8.79 10.42 -17.49
N GLU A 136 -8.81 10.40 -16.16
CA GLU A 136 -9.59 9.41 -15.42
C GLU A 136 -9.99 9.96 -14.05
N GLY A 137 -11.29 9.98 -13.79
CA GLY A 137 -11.84 10.60 -12.58
C GLY A 137 -11.28 12.00 -12.40
N SER A 138 -10.88 12.32 -11.17
CA SER A 138 -10.21 13.57 -10.86
C SER A 138 -8.79 13.34 -10.34
N ASP A 139 -8.24 12.15 -10.61
CA ASP A 139 -7.00 11.72 -9.96
C ASP A 139 -5.89 11.20 -10.89
N VAL A 140 -6.22 10.96 -12.16
CA VAL A 140 -5.21 10.61 -13.16
C VAL A 140 -5.19 11.67 -14.27
N PHE A 141 -3.99 12.15 -14.60
CA PHE A 141 -3.82 13.29 -15.49
C PHE A 141 -2.82 13.02 -16.61
N LEU A 142 -2.93 13.79 -17.69
CA LEU A 142 -1.88 13.90 -18.69
C LEU A 142 -1.12 15.20 -18.50
N VAL A 143 0.17 15.09 -18.24
CA VAL A 143 1.07 16.25 -18.21
C VAL A 143 1.97 16.14 -19.43
N GLY A 144 1.69 16.98 -20.43
CA GLY A 144 2.29 16.82 -21.75
C GLY A 144 1.78 15.52 -22.34
N SER A 145 2.70 14.61 -22.65
CA SER A 145 2.32 13.31 -23.18
C SER A 145 2.45 12.20 -22.12
N GLU A 146 2.76 12.60 -20.89
CA GLU A 146 3.00 11.64 -19.80
C GLU A 146 1.84 11.56 -18.81
N THR A 147 1.42 10.33 -18.50
CA THR A 147 0.35 10.10 -17.54
C THR A 147 0.87 10.22 -16.11
N ARG A 148 0.07 10.81 -15.23
CA ARG A 148 0.49 11.17 -13.89
C ARG A 148 -0.65 11.00 -12.88
N SER A 149 -0.30 10.62 -11.66
CA SER A 149 -1.28 10.46 -10.58
C SER A 149 -0.62 10.46 -9.21
N LYS A 150 -1.30 11.05 -8.23
CA LYS A 150 -0.89 10.98 -6.83
C LYS A 150 -0.68 9.53 -6.37
N PHE A 151 -1.41 8.60 -6.98
CA PHE A 151 -1.30 7.18 -6.68
C PHE A 151 0.02 6.55 -7.10
N TYR A 152 0.73 7.18 -8.04
CA TYR A 152 2.01 6.66 -8.53
C TYR A 152 3.18 6.97 -7.60
N SER A 153 2.88 7.63 -6.48
CA SER A 153 3.85 7.84 -5.42
C SER A 153 3.83 6.68 -4.42
N SER A 154 2.89 5.75 -4.58
CA SER A 154 2.60 4.71 -3.60
C SER A 154 3.69 3.64 -3.44
N GLU A 155 3.73 3.04 -2.26
CA GLU A 155 4.69 2.00 -1.93
C GLU A 155 4.05 1.02 -0.95
N ARG A 156 4.42 -0.26 -1.06
CA ARG A 156 3.95 -1.28 -0.11
C ARG A 156 4.27 -0.82 1.32
N PHE A 157 3.28 -0.90 2.19
CA PHE A 157 3.43 -0.44 3.57
C PHE A 157 4.59 -1.10 4.32
N ILE A 158 4.84 -2.38 4.02
CA ILE A 158 6.01 -3.10 4.57
C ILE A 158 7.34 -2.42 4.21
N ASP A 159 7.37 -1.73 3.07
CA ASP A 159 8.57 -1.08 2.56
C ASP A 159 8.51 0.45 2.62
N ASP A 160 7.51 0.99 3.30
CA ASP A 160 7.23 2.43 3.30
C ASP A 160 7.46 3.09 4.67
N GLN A 161 8.73 3.09 5.10
CA GLN A 161 9.12 3.72 6.36
C GLN A 161 9.41 5.21 6.18
N ARG A 162 9.73 5.61 4.95
CA ARG A 162 10.02 7.02 4.65
C ARG A 162 9.63 7.41 3.22
N HIS A 163 8.88 8.50 3.11
CA HIS A 163 8.72 9.23 1.85
C HIS A 163 8.70 10.73 2.11
N CYS A 164 9.11 11.50 1.11
CA CYS A 164 9.39 12.92 1.31
C CYS A 164 8.97 13.79 0.13
N ILE A 165 8.91 15.10 0.39
CA ILE A 165 8.95 16.11 -0.64
C ILE A 165 10.15 17.01 -0.35
N ALA A 166 10.73 17.60 -1.39
CA ALA A 166 12.02 18.29 -1.24
C ALA A 166 12.30 19.35 -2.31
N GLY A 167 13.20 20.27 -1.96
CA GLY A 167 13.76 21.25 -2.88
C GLY A 167 15.24 21.38 -2.60
N ASP A 168 15.86 22.43 -3.14
CA ASP A 168 17.30 22.62 -2.96
C ASP A 168 17.72 23.17 -1.59
N ALA A 169 16.75 23.65 -0.81
CA ALA A 169 17.05 24.24 0.49
C ALA A 169 16.25 23.65 1.65
N HIS A 170 15.23 22.85 1.33
CA HIS A 170 14.38 22.21 2.35
C HIS A 170 13.97 20.79 1.95
N ARG A 171 13.75 19.94 2.95
CA ARG A 171 13.19 18.61 2.77
C ARG A 171 12.24 18.28 3.92
N VAL A 172 11.08 17.72 3.59
CA VAL A 172 10.10 17.31 4.59
C VAL A 172 9.72 15.85 4.36
N CYS A 173 9.96 15.01 5.36
CA CYS A 173 9.76 13.58 5.26
C CYS A 173 8.77 13.05 6.28
N MET A 174 7.96 12.07 5.88
CA MET A 174 7.20 11.27 6.81
C MET A 174 8.04 10.07 7.23
N ILE A 175 8.14 9.83 8.53
CA ILE A 175 8.80 8.64 9.08
C ILE A 175 7.74 7.77 9.72
N LEU A 176 7.59 6.56 9.19
CA LEU A 176 6.42 5.73 9.49
C LEU A 176 6.81 4.35 10.00
N ASN A 177 6.97 4.24 11.32
CA ASN A 177 7.40 3.00 11.95
C ASN A 177 6.29 2.24 12.69
N GLN A 178 5.05 2.69 12.52
CA GLN A 178 3.92 2.06 13.23
C GLN A 178 2.64 2.02 12.40
N TYR A 179 2.49 0.94 11.63
CA TYR A 179 1.32 0.73 10.79
C TYR A 179 0.27 -0.19 11.44
N GLU A 180 0.37 -0.42 12.75
CA GLU A 180 -0.48 -1.41 13.44
C GLU A 180 -1.99 -1.20 13.31
N SER A 181 -2.42 0.05 13.20
CA SER A 181 -3.84 0.37 13.14
C SER A 181 -4.36 0.61 11.72
N SER A 182 -3.46 0.48 10.74
CA SER A 182 -3.84 0.59 9.33
C SER A 182 -4.59 -0.67 8.87
N SER A 183 -5.00 -0.68 7.60
CA SER A 183 -5.76 -1.81 7.05
C SER A 183 -5.16 -2.34 5.74
N GLY A 184 -5.36 -3.64 5.49
CA GLY A 184 -5.00 -4.23 4.21
C GLY A 184 -3.70 -5.04 4.19
N GLY A 185 -3.07 -5.17 5.34
CA GLY A 185 -1.86 -5.98 5.46
C GLY A 185 -0.61 -5.30 4.94
N PRO A 186 0.51 -6.05 4.92
CA PRO A 186 1.84 -5.50 4.58
C PRO A 186 1.96 -4.97 3.15
N PHE A 187 1.13 -5.49 2.25
CA PHE A 187 1.27 -5.19 0.83
C PHE A 187 0.27 -4.14 0.33
N HIS A 188 -0.52 -3.59 1.25
CA HIS A 188 -1.33 -2.41 0.93
C HIS A 188 -0.40 -1.24 0.61
N ARG A 189 -0.74 -0.51 -0.45
CA ARG A 189 -0.06 0.72 -0.80
C ARG A 189 -1.07 1.86 -0.82
N ASP A 190 -0.59 3.10 -0.66
CA ASP A 190 -1.49 4.26 -0.68
C ASP A 190 -0.79 5.55 -1.12
N ILE A 191 -1.57 6.63 -1.24
CA ILE A 191 -1.06 7.93 -1.69
C ILE A 191 -0.02 8.50 -0.71
N ASN A 192 1.14 8.85 -1.24
CA ASN A 192 2.26 9.36 -0.44
C ASN A 192 2.53 10.85 -0.61
N SER A 193 2.48 11.31 -1.87
CA SER A 193 2.71 12.72 -2.19
C SER A 193 2.08 13.12 -3.52
N ASN A 194 1.95 14.43 -3.75
CA ASN A 194 1.33 14.96 -4.96
C ASN A 194 1.62 16.45 -5.14
N ASN A 195 2.51 16.78 -6.08
CA ASN A 195 2.70 18.16 -6.52
C ASN A 195 1.62 18.46 -7.55
N GLY A 196 0.55 19.11 -7.09
CA GLY A 196 -0.67 19.23 -7.87
C GLY A 196 -0.94 20.55 -8.57
N GLY A 197 -0.04 21.52 -8.43
CA GLY A 197 -0.20 22.81 -9.11
C GLY A 197 -0.26 24.03 -8.19
N SER A 198 -0.91 23.88 -7.05
CA SER A 198 -1.03 24.98 -6.08
C SER A 198 -0.06 24.81 -4.92
N TYR A 199 0.22 23.56 -4.56
CA TYR A 199 1.12 23.20 -3.48
C TYR A 199 1.59 21.76 -3.69
N ASN A 200 2.53 21.31 -2.87
CA ASN A 200 2.98 19.92 -2.89
C ASN A 200 2.49 19.25 -1.60
N ALA A 201 1.64 18.25 -1.77
CA ALA A 201 1.04 17.53 -0.64
C ALA A 201 1.92 16.37 -0.19
N LEU A 202 2.16 16.28 1.12
CA LEU A 202 2.82 15.13 1.73
C LEU A 202 1.83 14.41 2.64
N TYR A 203 1.64 13.11 2.41
CA TYR A 203 0.59 12.35 3.07
C TYR A 203 1.06 11.24 4.01
N TRP A 204 0.22 10.93 4.98
CA TRP A 204 0.12 9.56 5.46
C TRP A 204 -1.33 9.13 5.46
N TYR A 205 -1.65 8.17 4.59
CA TYR A 205 -2.96 7.55 4.58
C TYR A 205 -2.99 6.40 5.58
N MET A 206 -3.43 6.71 6.79
CA MET A 206 -3.60 5.71 7.85
C MET A 206 -4.53 4.58 7.41
N ASN A 207 -5.65 4.94 6.80
CA ASN A 207 -6.46 3.98 6.06
C ASN A 207 -7.23 4.65 4.92
N SER A 208 -7.73 3.85 3.98
CA SER A 208 -8.49 4.36 2.85
C SER A 208 -9.32 3.25 2.20
N GLY A 209 -10.19 3.64 1.27
CA GLY A 209 -10.97 2.68 0.50
C GLY A 209 -10.30 2.26 -0.80
N ALA A 210 -9.06 2.69 -1.00
CA ALA A 210 -8.32 2.37 -2.23
C ALA A 210 -7.78 0.94 -2.18
N VAL A 211 -8.38 0.05 -2.97
CA VAL A 211 -8.04 -1.38 -3.00
C VAL A 211 -7.95 -1.95 -1.57
N GLN A 212 -9.03 -1.79 -0.80
CA GLN A 212 -9.05 -2.15 0.60
C GLN A 212 -9.60 -3.56 0.81
N THR A 213 -8.83 -4.41 1.48
CA THR A 213 -9.20 -5.82 1.69
C THR A 213 -9.69 -6.11 3.11
N GLU A 214 -9.54 -5.14 4.01
CA GLU A 214 -9.92 -5.32 5.41
C GLU A 214 -10.84 -4.22 5.92
N SER A 215 -11.54 -4.54 7.00
CA SER A 215 -12.24 -3.53 7.79
C SER A 215 -11.26 -2.56 8.42
N TYR A 216 -11.74 -1.35 8.70
CA TYR A 216 -10.93 -0.34 9.38
C TYR A 216 -10.71 -0.69 10.85
N ARG A 217 -9.62 -0.19 11.41
CA ARG A 217 -9.30 -0.41 12.81
C ARG A 217 -9.37 0.88 13.60
N MET A 218 -9.95 0.81 14.79
N MET A 218 -9.98 0.85 14.77
CA MET A 218 -10.06 1.98 15.68
CA MET A 218 -10.05 2.02 15.65
C MET A 218 -8.83 2.07 16.59
C MET A 218 -8.95 1.98 16.72
N GLY A 219 -8.83 3.06 17.48
CA GLY A 219 -7.75 3.23 18.44
C GLY A 219 -6.71 4.22 17.95
N LEU A 220 -5.48 4.08 18.44
CA LEU A 220 -4.41 5.02 18.09
C LEU A 220 -3.68 4.61 16.81
N HIS A 221 -3.70 5.52 15.83
CA HIS A 221 -2.94 5.36 14.59
C HIS A 221 -1.62 6.10 14.72
N GLY A 222 -0.54 5.40 14.40
CA GLY A 222 0.81 5.93 14.59
C GLY A 222 1.41 5.46 15.90
N PRO A 223 2.39 6.20 16.45
CA PRO A 223 2.89 7.49 16.01
C PRO A 223 3.47 7.57 14.60
N TYR A 224 3.48 8.78 14.07
CA TYR A 224 4.15 9.11 12.82
C TYR A 224 4.91 10.42 12.99
N SER A 225 5.99 10.57 12.25
CA SER A 225 6.85 11.75 12.43
C SER A 225 7.10 12.48 11.12
N MET A 226 6.91 13.79 11.16
CA MET A 226 7.18 14.66 10.02
C MET A 226 8.46 15.45 10.30
N TYR A 227 9.52 15.09 9.57
CA TYR A 227 10.87 15.60 9.82
C TYR A 227 11.20 16.74 8.87
N PHE A 228 11.77 17.82 9.42
CA PHE A 228 12.14 18.99 8.63
C PHE A 228 13.66 19.14 8.54
N SER A 229 14.18 19.09 7.31
CA SER A 229 15.62 19.14 7.05
C SER A 229 15.96 20.26 6.07
N ARG A 230 17.20 20.73 6.11
CA ARG A 230 17.71 21.62 5.08
C ARG A 230 18.03 20.78 3.83
N SER A 231 19.17 20.10 3.83
CA SER A 231 19.53 19.22 2.71
C SER A 231 19.82 17.78 3.14
N GLY A 232 19.76 17.52 4.44
CA GLY A 232 19.95 16.17 4.97
C GLY A 232 18.75 15.28 4.69
N THR A 233 18.97 13.96 4.76
CA THR A 233 17.88 12.99 4.70
C THR A 233 17.85 12.23 6.02
N PRO A 234 16.74 12.33 6.76
CA PRO A 234 16.66 11.72 8.09
C PRO A 234 16.66 10.21 8.07
N SER A 235 17.32 9.61 9.06
CA SER A 235 17.27 8.17 9.28
C SER A 235 15.86 7.80 9.76
N THR A 236 15.44 6.57 9.45
CA THR A 236 14.13 6.08 9.91
C THR A 236 14.19 5.60 11.36
N SER A 237 15.37 5.63 11.96
CA SER A 237 15.54 5.25 13.36
C SER A 237 15.19 6.42 14.27
N ILE A 238 13.90 6.57 14.55
CA ILE A 238 13.42 7.68 15.37
C ILE A 238 12.59 7.17 16.56
N ASP A 239 13.15 7.36 17.75
CA ASP A 239 12.52 6.97 19.00
C ASP A 239 11.26 7.78 19.24
N THR A 240 10.13 7.10 19.44
CA THR A 240 8.87 7.75 19.84
C THR A 240 8.35 7.20 21.15
N SER A 241 9.22 6.52 21.91
CA SER A 241 8.80 5.82 23.13
C SER A 241 8.34 6.78 24.23
N PHE A 242 8.75 8.05 24.12
CA PHE A 242 8.34 9.10 25.06
C PHE A 242 6.85 9.39 25.07
N PHE A 243 6.14 8.89 24.05
CA PHE A 243 4.68 8.92 24.00
C PHE A 243 4.05 8.20 25.20
N ALA A 244 4.79 7.26 25.78
CA ALA A 244 4.35 6.50 26.94
C ALA A 244 4.09 7.36 28.18
N ASP A 245 4.70 8.54 28.21
CA ASP A 245 4.66 9.40 29.39
C ASP A 245 3.73 10.60 29.21
N LEU A 246 2.91 10.60 28.16
CA LEU A 246 2.13 11.78 27.81
C LEU A 246 0.61 11.58 27.82
N ASP A 247 0.17 10.48 28.44
CA ASP A 247 -1.26 10.13 28.55
C ASP A 247 -1.97 10.24 27.20
N ILE A 248 -1.39 9.57 26.20
CA ILE A 248 -1.92 9.56 24.84
C ILE A 248 -3.00 8.48 24.76
N LYS A 249 -4.21 8.88 24.40
CA LYS A 249 -5.33 7.94 24.29
C LYS A 249 -4.99 6.81 23.32
N GLY A 250 -5.23 5.58 23.77
CA GLY A 250 -5.01 4.38 22.96
C GLY A 250 -3.57 3.92 22.81
N TYR A 251 -2.63 4.65 23.41
CA TYR A 251 -1.22 4.30 23.33
C TYR A 251 -0.87 3.12 24.22
N VAL A 252 -0.28 2.09 23.63
CA VAL A 252 0.21 0.96 24.38
C VAL A 252 1.74 0.95 24.29
N ALA A 253 2.39 1.05 25.44
CA ALA A 253 3.85 1.13 25.51
C ALA A 253 4.50 -0.25 25.33
N ALA A 254 5.82 -0.26 25.15
CA ALA A 254 6.60 -1.48 25.02
C ALA A 254 6.32 -2.49 26.14
N SER A 255 6.10 -1.98 27.35
CA SER A 255 5.85 -2.83 28.53
C SER A 255 4.50 -3.55 28.47
N GLY A 256 3.56 -3.01 27.71
CA GLY A 256 2.26 -3.64 27.53
C GLY A 256 2.18 -4.53 26.31
N ARG A 257 3.33 -4.82 25.72
CA ARG A 257 3.40 -5.58 24.47
C ARG A 257 4.22 -6.86 24.61
N GLY A 258 3.94 -7.84 23.76
CA GLY A 258 4.72 -9.07 23.67
C GLY A 258 5.14 -9.31 22.24
N LYS A 259 5.74 -10.47 21.97
CA LYS A 259 6.23 -10.79 20.63
C LYS A 259 5.98 -12.23 20.22
N VAL A 260 6.09 -12.48 18.91
CA VAL A 260 6.12 -13.83 18.36
C VAL A 260 7.45 -14.02 17.63
N ALA A 261 8.15 -15.09 17.97
CA ALA A 261 9.42 -15.42 17.32
C ALA A 261 9.43 -16.89 16.91
N GLY A 262 10.14 -17.18 15.82
CA GLY A 262 10.27 -18.55 15.35
C GLY A 262 10.97 -18.63 14.02
N THR A 263 10.68 -19.69 13.28
CA THR A 263 11.29 -19.93 11.98
C THR A 263 10.23 -20.38 10.99
N ALA A 264 10.20 -19.72 9.84
CA ALA A 264 9.35 -20.13 8.73
C ALA A 264 10.16 -21.00 7.79
N SER A 265 9.54 -22.04 7.24
CA SER A 265 10.24 -22.98 6.35
C SER A 265 9.32 -23.57 5.30
N GLY A 266 9.92 -24.03 4.20
CA GLY A 266 9.20 -24.83 3.20
C GLY A 266 8.86 -24.13 1.90
N ALA A 267 8.76 -22.81 1.94
CA ALA A 267 8.37 -22.03 0.76
C ALA A 267 9.52 -21.86 -0.25
N ASP A 268 9.23 -21.14 -1.33
CA ASP A 268 10.19 -20.92 -2.42
C ASP A 268 11.33 -19.99 -1.98
N SER A 269 12.53 -20.55 -1.89
CA SER A 269 13.72 -19.83 -1.41
C SER A 269 14.21 -18.70 -2.34
N SER A 270 13.67 -18.65 -3.56
CA SER A 270 14.03 -17.59 -4.51
C SER A 270 13.22 -16.32 -4.27
N MET A 271 12.28 -16.36 -3.34
CA MET A 271 11.44 -15.22 -3.01
C MET A 271 11.71 -14.73 -1.59
N ASP A 272 11.41 -13.46 -1.34
CA ASP A 272 11.39 -12.92 0.01
C ASP A 272 10.24 -13.54 0.77
N TRP A 273 10.45 -13.83 2.06
CA TRP A 273 9.39 -14.36 2.91
C TRP A 273 8.90 -13.32 3.90
N VAL A 274 7.59 -13.27 4.07
CA VAL A 274 6.95 -12.35 5.01
C VAL A 274 6.06 -13.13 5.97
N VAL A 275 6.10 -12.77 7.24
CA VAL A 275 5.17 -13.28 8.24
C VAL A 275 4.31 -12.11 8.73
N HIS A 276 3.01 -12.37 8.80
CA HIS A 276 1.98 -11.35 8.99
C HIS A 276 1.00 -11.80 10.08
N TRP A 277 0.77 -10.92 11.06
CA TRP A 277 -0.18 -11.19 12.15
C TRP A 277 -1.29 -10.14 12.15
N TYR A 278 -2.54 -10.59 12.28
CA TYR A 278 -3.67 -9.66 12.34
C TYR A 278 -4.87 -10.15 13.14
N ASN A 279 -5.59 -9.19 13.71
CA ASN A 279 -6.95 -9.37 14.23
C ASN A 279 -7.68 -8.03 14.08
N ASP A 280 -8.90 -7.94 14.61
CA ASP A 280 -9.72 -6.74 14.46
C ASP A 280 -9.11 -5.48 15.10
N ALA A 281 -8.19 -5.68 16.04
CA ALA A 281 -7.57 -4.58 16.77
C ALA A 281 -6.27 -4.07 16.14
N ALA A 282 -5.47 -4.97 15.59
CA ALA A 282 -4.14 -4.61 15.11
C ALA A 282 -3.56 -5.55 14.04
N GLN A 283 -2.63 -5.03 13.25
CA GLN A 283 -1.92 -5.81 12.24
C GLN A 283 -0.40 -5.59 12.35
N TYR A 284 0.35 -6.66 12.16
CA TYR A 284 1.82 -6.61 12.25
C TYR A 284 2.46 -7.47 11.16
N TRP A 285 3.72 -7.17 10.84
CA TRP A 285 4.47 -7.94 9.85
C TRP A 285 5.97 -7.82 10.01
N THR A 286 6.69 -8.77 9.41
CA THR A 286 8.14 -8.72 9.31
C THR A 286 8.62 -9.58 8.14
N TYR A 287 9.72 -9.16 7.52
CA TYR A 287 10.46 -10.05 6.66
C TYR A 287 11.14 -11.09 7.53
N THR A 288 11.31 -12.30 7.00
CA THR A 288 12.16 -13.29 7.66
C THR A 288 13.56 -13.14 7.09
N SER A 289 14.55 -13.72 7.77
CA SER A 289 15.88 -13.84 7.21
C SER A 289 15.90 -14.95 6.15
N SER A 290 17.02 -15.10 5.46
CA SER A 290 17.17 -16.18 4.47
C SER A 290 16.95 -17.56 5.07
N SER A 291 17.30 -17.72 6.35
CA SER A 291 17.14 -18.99 7.07
C SER A 291 15.70 -19.22 7.53
N GLY A 292 14.84 -18.21 7.33
CA GLY A 292 13.45 -18.26 7.76
C GLY A 292 13.21 -17.73 9.16
N SER A 293 14.28 -17.33 9.85
CA SER A 293 14.17 -16.76 11.20
C SER A 293 13.41 -15.44 11.20
N PHE A 294 12.58 -15.24 12.22
CA PHE A 294 11.83 -14.00 12.38
C PHE A 294 11.54 -13.67 13.83
N THR A 295 11.37 -12.37 14.09
CA THR A 295 10.83 -11.87 15.35
C THR A 295 9.86 -10.74 15.01
N SER A 296 8.64 -10.85 15.52
CA SER A 296 7.58 -9.85 15.30
C SER A 296 7.96 -8.49 15.88
N PRO A 297 7.32 -7.41 15.37
CA PRO A 297 7.37 -6.14 16.11
C PRO A 297 6.72 -6.33 17.48
N ALA A 298 6.86 -5.35 18.36
CA ALA A 298 6.18 -5.39 19.65
C ALA A 298 4.67 -5.31 19.42
N MET A 299 3.96 -6.34 19.87
CA MET A 299 2.53 -6.53 19.56
C MET A 299 1.61 -6.35 20.76
N LYS A 300 0.47 -5.68 20.53
CA LYS A 300 -0.61 -5.66 21.52
C LYS A 300 -1.03 -7.09 21.85
N PRO A 301 -1.30 -7.36 23.15
CA PRO A 301 -1.76 -8.69 23.57
C PRO A 301 -3.06 -9.12 22.88
N GLY A 302 -3.21 -10.43 22.70
CA GLY A 302 -4.42 -10.99 22.10
C GLY A 302 -4.09 -12.17 21.22
N THR A 303 -5.11 -12.64 20.50
CA THR A 303 -4.99 -13.78 19.60
C THR A 303 -5.00 -13.30 18.15
N TYR A 304 -4.10 -13.85 17.34
CA TYR A 304 -3.88 -13.38 15.97
C TYR A 304 -3.91 -14.49 14.95
N THR A 305 -4.40 -14.17 13.76
CA THR A 305 -4.19 -14.99 12.59
C THR A 305 -2.77 -14.73 12.11
N MET A 306 -2.04 -15.80 11.82
CA MET A 306 -0.64 -15.73 11.42
C MET A 306 -0.48 -16.29 10.01
N VAL A 307 0.09 -15.49 9.12
CA VAL A 307 0.22 -15.85 7.70
C VAL A 307 1.69 -15.83 7.26
N TYR A 308 2.08 -16.85 6.49
CA TYR A 308 3.41 -17.01 5.92
C TYR A 308 3.33 -16.85 4.41
N TYR A 309 4.00 -15.82 3.88
CA TYR A 309 3.99 -15.54 2.44
C TYR A 309 5.33 -15.83 1.79
N GLN A 310 5.27 -16.31 0.54
CA GLN A 310 6.39 -16.20 -0.38
C GLN A 310 6.03 -15.08 -1.37
N GLY A 311 6.83 -14.02 -1.37
CA GLY A 311 6.43 -12.78 -2.04
C GLY A 311 5.17 -12.28 -1.35
N GLU A 312 4.06 -12.27 -2.10
CA GLU A 312 2.76 -11.88 -1.56
C GLU A 312 1.74 -13.03 -1.63
N TYR A 313 2.24 -14.24 -1.88
CA TYR A 313 1.41 -15.45 -1.96
C TYR A 313 1.42 -16.21 -0.63
N ALA A 314 0.25 -16.40 -0.05
CA ALA A 314 0.15 -17.08 1.26
C ALA A 314 0.29 -18.59 1.11
N VAL A 315 1.29 -19.16 1.79
CA VAL A 315 1.55 -20.61 1.72
C VAL A 315 1.04 -21.36 2.95
N ALA A 316 0.86 -20.63 4.05
CA ALA A 316 0.39 -21.22 5.30
C ALA A 316 -0.27 -20.17 6.19
N THR A 317 -1.27 -20.62 6.95
CA THR A 317 -1.95 -19.79 7.94
C THR A 317 -2.02 -20.57 9.26
N SER A 318 -1.84 -19.87 10.37
CA SER A 318 -1.99 -20.45 11.69
C SER A 318 -2.60 -19.43 12.66
N SER A 319 -2.64 -19.78 13.93
CA SER A 319 -3.12 -18.89 14.98
C SER A 319 -2.09 -18.81 16.10
N VAL A 320 -2.00 -17.66 16.75
CA VAL A 320 -1.04 -17.46 17.84
C VAL A 320 -1.55 -16.44 18.86
N THR A 321 -1.18 -16.64 20.12
CA THR A 321 -1.58 -15.74 21.20
C THR A 321 -0.37 -15.03 21.80
N VAL A 322 -0.52 -13.73 22.03
CA VAL A 322 0.55 -12.87 22.55
C VAL A 322 0.18 -12.32 23.93
N SER A 323 1.14 -12.38 24.86
CA SER A 323 0.98 -11.81 26.20
C SER A 323 2.05 -10.74 26.45
N ALA A 324 1.67 -9.68 27.18
CA ALA A 324 2.59 -8.59 27.52
C ALA A 324 3.84 -9.11 28.24
N GLY A 325 5.00 -8.64 27.81
CA GLY A 325 6.28 -9.00 28.43
C GLY A 325 6.82 -10.38 28.07
N SER A 326 6.12 -11.11 27.21
CA SER A 326 6.50 -12.47 26.84
C SER A 326 6.69 -12.64 25.34
N THR A 327 7.62 -13.51 24.96
CA THR A 327 7.77 -13.91 23.57
C THR A 327 7.17 -15.30 23.36
N THR A 328 6.21 -15.38 22.45
CA THR A 328 5.64 -16.68 22.06
C THR A 328 6.46 -17.28 20.93
N THR A 329 7.02 -18.46 21.19
CA THR A 329 7.74 -19.21 20.15
C THR A 329 6.73 -19.97 19.30
N LYS A 330 6.74 -19.68 18.00
CA LYS A 330 5.79 -20.27 17.07
C LYS A 330 6.42 -20.38 15.68
N ASN A 331 6.63 -21.61 15.22
CA ASN A 331 7.09 -21.86 13.87
C ASN A 331 5.92 -21.90 12.91
N ILE A 332 6.21 -21.82 11.62
CA ILE A 332 5.20 -21.90 10.58
C ILE A 332 5.83 -22.51 9.34
N SER A 333 5.09 -23.37 8.65
CA SER A 333 5.63 -24.03 7.46
C SER A 333 4.57 -24.32 6.41
N GLY A 334 4.99 -24.29 5.15
CA GLY A 334 4.10 -24.57 4.03
C GLY A 334 4.80 -24.38 2.70
N SER A 335 4.17 -24.86 1.64
CA SER A 335 4.68 -24.71 0.28
C SER A 335 3.52 -24.69 -0.71
N VAL A 336 3.80 -24.16 -1.91
CA VAL A 336 2.82 -24.16 -2.99
C VAL A 336 2.82 -25.54 -3.64
N LYS A 337 1.65 -26.17 -3.68
CA LYS A 337 1.50 -27.49 -4.27
C LYS A 337 0.71 -27.42 -5.56
N THR A 338 1.28 -27.99 -6.62
CA THR A 338 0.58 -28.12 -7.90
C THR A 338 0.64 -29.57 -8.36
N GLY A 339 1.65 -29.93 -9.16
CA GLY A 339 1.82 -31.29 -9.65
C GLY A 339 2.94 -31.35 -10.68
N THR A 340 2.86 -32.32 -11.59
CA THR A 340 3.82 -32.44 -12.67
C THR A 340 3.48 -31.39 -13.73
N THR A 341 4.39 -30.43 -13.91
CA THR A 341 4.10 -29.24 -14.71
C THR A 341 4.34 -29.46 -16.20
N ILE A 342 3.33 -29.14 -17.01
CA ILE A 342 3.48 -29.11 -18.46
C ILE A 342 4.07 -27.76 -18.87
N PHE A 343 3.43 -26.67 -18.44
CA PHE A 343 4.02 -25.34 -18.56
C PHE A 343 3.63 -24.42 -17.40
N LYS A 344 4.46 -23.40 -17.18
CA LYS A 344 4.24 -22.42 -16.14
C LYS A 344 4.60 -21.04 -16.67
N ILE A 345 3.66 -20.11 -16.53
CA ILE A 345 3.85 -18.73 -16.95
C ILE A 345 3.82 -17.83 -15.71
N GLY A 346 4.98 -17.26 -15.39
CA GLY A 346 5.15 -16.46 -14.18
C GLY A 346 5.55 -17.29 -12.99
N GLU A 347 5.47 -16.70 -11.80
CA GLU A 347 5.81 -17.38 -10.55
C GLU A 347 4.70 -17.16 -9.52
N TRP A 348 4.58 -18.06 -8.55
CA TRP A 348 3.58 -17.95 -7.48
C TRP A 348 4.03 -16.98 -6.37
N ASP A 349 3.98 -15.69 -6.67
CA ASP A 349 4.46 -14.67 -5.74
C ASP A 349 3.41 -13.60 -5.40
N GLY A 350 2.17 -13.83 -5.84
CA GLY A 350 1.07 -12.90 -5.58
C GLY A 350 1.20 -11.55 -6.29
N GLN A 351 2.02 -11.51 -7.34
CA GLN A 351 2.34 -10.29 -8.07
C GLN A 351 2.32 -10.57 -9.58
N PRO A 352 2.15 -9.52 -10.41
CA PRO A 352 2.34 -9.69 -11.84
C PRO A 352 3.81 -9.50 -12.25
N THR A 353 4.72 -9.76 -11.33
CA THR A 353 6.16 -9.55 -11.54
C THR A 353 6.67 -10.33 -12.76
N GLY A 354 7.32 -9.61 -13.68
CA GLY A 354 7.90 -10.21 -14.87
C GLY A 354 7.01 -10.13 -16.11
N PHE A 355 5.72 -9.90 -15.90
CA PHE A 355 4.75 -9.81 -17.00
C PHE A 355 4.90 -8.48 -17.77
N ARG A 356 4.40 -8.46 -19.00
CA ARG A 356 4.41 -7.24 -19.82
C ARG A 356 3.75 -6.08 -19.08
N ASN A 357 4.47 -4.95 -19.01
CA ASN A 357 3.98 -3.69 -18.42
C ASN A 357 3.87 -3.66 -16.90
N ALA A 358 4.27 -4.74 -16.23
CA ALA A 358 4.16 -4.83 -14.76
C ALA A 358 4.94 -3.73 -14.03
N ALA A 359 6.20 -3.54 -14.43
CA ALA A 359 7.06 -2.53 -13.81
C ALA A 359 6.57 -1.10 -14.08
N ASN A 360 6.12 -0.85 -15.30
CA ASN A 360 5.57 0.46 -15.69
C ASN A 360 4.26 0.81 -14.97
N GLN A 361 3.43 -0.21 -14.76
CA GLN A 361 2.08 -0.04 -14.19
C GLN A 361 2.09 0.57 -12.78
N LEU A 362 3.17 0.35 -12.05
CA LEU A 362 3.31 0.93 -10.72
C LEU A 362 3.49 2.46 -10.76
N ARG A 363 3.97 2.97 -11.90
CA ARG A 363 4.40 4.37 -12.00
C ARG A 363 3.79 5.15 -13.18
N MET A 364 2.83 4.54 -13.86
CA MET A 364 2.09 5.20 -14.96
C MET A 364 0.77 4.50 -15.28
N HIS A 365 -0.09 5.18 -16.03
CA HIS A 365 -1.40 4.67 -16.45
C HIS A 365 -1.26 3.71 -17.64
N PRO A 366 -2.13 2.69 -17.73
CA PRO A 366 -2.12 1.74 -18.86
C PRO A 366 -2.25 2.40 -20.25
N SER A 367 -2.78 3.61 -20.31
CA SER A 367 -2.94 4.35 -21.57
C SER A 367 -1.68 5.12 -22.01
N ASP A 368 -0.66 5.15 -21.14
CA ASP A 368 0.58 5.86 -21.45
C ASP A 368 1.25 5.28 -22.70
N SER A 369 1.72 6.16 -23.58
CA SER A 369 2.37 5.73 -24.83
C SER A 369 3.64 4.89 -24.59
N ARG A 370 4.22 5.01 -23.40
CA ARG A 370 5.44 4.25 -23.05
C ARG A 370 5.17 2.80 -22.69
N MET A 371 3.89 2.47 -22.49
CA MET A 371 3.45 1.09 -22.29
C MET A 371 3.64 0.29 -23.58
N SER A 372 4.04 -0.97 -23.43
CA SER A 372 4.05 -1.90 -24.57
C SER A 372 2.61 -2.31 -24.87
N SER A 373 2.39 -2.84 -26.08
CA SER A 373 1.03 -3.20 -26.52
C SER A 373 0.36 -4.17 -25.54
N TRP A 374 -0.89 -3.86 -25.20
CA TRP A 374 -1.67 -4.72 -24.30
C TRP A 374 -2.17 -5.98 -25.00
N GLY A 375 -2.39 -5.88 -26.31
CA GLY A 375 -2.86 -7.01 -27.12
C GLY A 375 -4.17 -6.72 -27.82
N PRO A 376 -4.95 -7.77 -28.15
CA PRO A 376 -4.76 -9.20 -27.84
C PRO A 376 -3.42 -9.77 -28.30
N LEU A 377 -2.79 -10.53 -27.41
CA LEU A 377 -1.49 -11.14 -27.66
C LEU A 377 -1.60 -12.66 -27.69
N THR A 378 -0.78 -13.29 -28.52
CA THR A 378 -0.61 -14.73 -28.50
C THR A 378 0.73 -15.05 -27.86
N TYR A 379 0.68 -15.77 -26.75
CA TYR A 379 1.86 -16.22 -26.05
C TYR A 379 2.11 -17.68 -26.43
N THR A 380 3.32 -17.95 -26.92
CA THR A 380 3.70 -19.31 -27.30
C THR A 380 4.75 -19.86 -26.35
N VAL A 381 4.38 -20.90 -25.61
CA VAL A 381 5.25 -21.55 -24.64
C VAL A 381 6.51 -22.11 -25.33
N GLY A 382 7.66 -21.67 -24.86
CA GLY A 382 8.95 -22.09 -25.42
C GLY A 382 9.55 -21.11 -26.42
N SER A 383 8.74 -20.13 -26.83
CA SER A 383 9.19 -19.10 -27.78
C SER A 383 9.06 -17.71 -27.20
N SER A 384 7.89 -17.40 -26.64
CA SER A 384 7.62 -16.09 -26.06
C SER A 384 8.32 -15.90 -24.72
N ALA A 385 8.75 -14.66 -24.46
CA ALA A 385 9.27 -14.29 -23.15
C ALA A 385 8.12 -13.91 -22.23
N LEU A 386 8.35 -13.96 -20.92
CA LEU A 386 7.33 -13.57 -19.94
C LEU A 386 6.81 -12.14 -20.19
N THR A 387 7.71 -11.26 -20.64
CA THR A 387 7.37 -9.88 -20.97
C THR A 387 6.53 -9.74 -22.24
N ASP A 388 6.11 -10.87 -22.82
CA ASP A 388 5.16 -10.90 -23.92
C ASP A 388 3.77 -11.33 -23.46
N PHE A 389 3.65 -11.68 -22.17
CA PHE A 389 2.35 -12.01 -21.58
C PHE A 389 1.81 -10.82 -20.81
N PRO A 390 0.57 -10.38 -21.14
CA PRO A 390 0.01 -9.18 -20.54
C PRO A 390 -0.21 -9.35 -19.03
N MET A 391 0.20 -8.36 -18.25
CA MET A 391 0.05 -8.40 -16.79
C MET A 391 -1.42 -8.44 -16.39
N ALA A 392 -2.27 -7.94 -17.28
CA ALA A 392 -3.70 -7.87 -17.05
C ALA A 392 -4.45 -8.06 -18.36
N VAL A 393 -5.66 -8.61 -18.28
CA VAL A 393 -6.54 -8.69 -19.44
C VAL A 393 -7.82 -7.91 -19.16
N PHE A 394 -8.14 -6.99 -20.07
CA PHE A 394 -9.33 -6.16 -19.96
C PHE A 394 -10.34 -6.63 -20.99
N LYS A 395 -11.61 -6.74 -20.56
CA LYS A 395 -12.70 -7.23 -21.40
C LYS A 395 -12.80 -6.48 -22.73
N SER A 396 -12.45 -5.19 -22.71
CA SER A 396 -12.63 -4.31 -23.86
C SER A 396 -11.34 -3.64 -24.34
N VAL A 397 -10.19 -4.18 -23.98
CA VAL A 397 -8.91 -3.73 -24.53
C VAL A 397 -8.16 -4.85 -25.25
N ASN A 398 -7.81 -5.90 -24.52
CA ASN A 398 -6.93 -6.96 -25.03
C ASN A 398 -7.47 -8.37 -24.83
N ASN A 399 -8.80 -8.48 -24.85
CA ASN A 399 -9.50 -9.74 -24.68
C ASN A 399 -9.64 -10.46 -26.02
N PRO A 400 -9.33 -11.77 -26.08
CA PRO A 400 -8.80 -12.63 -25.02
C PRO A 400 -7.28 -12.79 -25.10
N VAL A 401 -6.72 -13.47 -24.11
CA VAL A 401 -5.31 -13.91 -24.17
C VAL A 401 -5.28 -15.31 -24.78
N THR A 402 -4.43 -15.49 -25.78
CA THR A 402 -4.25 -16.82 -26.38
C THR A 402 -2.89 -17.41 -26.01
N ILE A 403 -2.92 -18.66 -25.58
CA ILE A 403 -1.70 -19.41 -25.26
C ILE A 403 -1.58 -20.61 -26.20
N LYS A 404 -0.43 -20.71 -26.85
CA LYS A 404 -0.07 -21.88 -27.66
C LYS A 404 0.99 -22.69 -26.95
N PHE A 405 0.78 -24.00 -26.88
CA PHE A 405 1.77 -24.89 -26.27
C PHE A 405 1.84 -26.25 -26.95
N THR A 406 3.01 -26.88 -26.85
CA THR A 406 3.24 -28.21 -27.40
C THR A 406 3.18 -29.24 -26.30
N ALA A 407 2.47 -30.33 -26.57
CA ALA A 407 2.38 -31.45 -25.64
C ALA A 407 2.86 -32.73 -26.30
N THR A 408 3.47 -33.61 -25.52
CA THR A 408 3.85 -34.94 -25.97
C THR A 408 2.67 -35.89 -25.78
N SER A 409 2.78 -37.09 -26.35
CA SER A 409 1.78 -38.14 -26.16
C SER A 409 1.63 -38.54 -24.70
N ALA A 410 2.71 -38.40 -23.93
CA ALA A 410 2.71 -38.71 -22.50
C ALA A 410 1.96 -37.69 -21.64
N GLN A 411 1.62 -36.54 -22.24
CA GLN A 411 0.98 -35.46 -21.50
C GLN A 411 -0.49 -35.25 -21.88
N THR A 412 -1.09 -36.27 -22.50
CA THR A 412 -2.48 -36.15 -22.99
C THR A 412 -3.52 -36.60 -21.96
N GLY A 413 -3.06 -36.99 -20.77
CA GLY A 413 -3.96 -37.39 -19.69
C GLY A 413 -4.70 -36.21 -19.08
N ALA A 414 -5.43 -36.47 -18.00
CA ALA A 414 -6.15 -35.42 -17.28
C ALA A 414 -5.18 -34.38 -16.73
N ALA A 415 -5.61 -33.13 -16.69
CA ALA A 415 -4.77 -32.03 -16.23
C ALA A 415 -5.60 -30.95 -15.53
N THR A 416 -4.91 -30.05 -14.85
CA THR A 416 -5.54 -28.87 -14.26
C THR A 416 -4.88 -27.62 -14.83
N LEU A 417 -5.69 -26.75 -15.41
CA LEU A 417 -5.21 -25.42 -15.78
C LEU A 417 -5.52 -24.48 -14.62
N ARG A 418 -4.47 -23.91 -14.04
CA ARG A 418 -4.63 -23.01 -12.90
C ARG A 418 -4.33 -21.56 -13.33
N ILE A 419 -5.32 -20.71 -13.19
CA ILE A 419 -5.20 -19.29 -13.52
C ILE A 419 -5.22 -18.47 -12.22
N GLY A 420 -4.02 -18.14 -11.74
CA GLY A 420 -3.87 -17.34 -10.53
C GLY A 420 -3.90 -15.86 -10.84
N THR A 421 -4.66 -15.11 -10.05
CA THR A 421 -4.80 -13.66 -10.22
C THR A 421 -4.37 -12.92 -8.96
N THR A 422 -4.33 -11.60 -9.02
CA THR A 422 -4.05 -10.77 -7.86
C THR A 422 -5.23 -9.88 -7.49
N LEU A 423 -5.84 -9.24 -8.49
CA LEU A 423 -6.87 -8.23 -8.28
C LEU A 423 -7.86 -8.16 -9.44
N SER A 424 -9.15 -8.09 -9.11
CA SER A 424 -10.20 -7.93 -10.11
C SER A 424 -10.75 -6.51 -10.10
N PHE A 425 -11.39 -6.13 -11.21
CA PHE A 425 -12.15 -4.89 -11.29
C PHE A 425 -13.43 -5.13 -12.09
N ALA A 426 -14.53 -4.57 -11.59
CA ALA A 426 -15.85 -4.65 -12.21
C ALA A 426 -16.31 -6.07 -12.55
N GLY A 427 -16.10 -6.99 -11.61
CA GLY A 427 -16.52 -8.37 -11.75
C GLY A 427 -15.70 -9.27 -12.66
N GLY A 428 -14.55 -8.77 -13.14
CA GLY A 428 -13.71 -9.52 -14.06
C GLY A 428 -13.17 -10.82 -13.49
N ARG A 429 -13.34 -11.91 -14.25
CA ARG A 429 -12.77 -13.22 -13.92
C ARG A 429 -12.59 -14.06 -15.19
N PRO A 430 -11.65 -15.02 -15.18
CA PRO A 430 -11.36 -15.80 -16.38
C PRO A 430 -12.33 -16.95 -16.67
N GLN A 431 -12.66 -17.12 -17.93
CA GLN A 431 -13.24 -18.38 -18.41
C GLN A 431 -12.30 -18.92 -19.48
N ALA A 432 -11.90 -20.18 -19.34
CA ALA A 432 -10.88 -20.76 -20.22
C ALA A 432 -11.45 -21.78 -21.22
N THR A 433 -10.93 -21.72 -22.44
CA THR A 433 -11.19 -22.73 -23.46
C THR A 433 -9.87 -23.42 -23.82
N ILE A 434 -9.88 -24.75 -23.80
CA ILE A 434 -8.72 -25.55 -24.17
C ILE A 434 -9.12 -26.41 -25.37
N ASN A 435 -8.52 -26.12 -26.52
CA ASN A 435 -8.89 -26.73 -27.79
C ASN A 435 -10.40 -26.59 -28.05
N SER A 436 -11.15 -27.69 -28.07
CA SER A 436 -12.60 -27.59 -28.25
C SER A 436 -13.37 -27.86 -26.95
N TYR A 437 -12.72 -27.61 -25.82
CA TYR A 437 -13.33 -27.81 -24.50
C TYR A 437 -13.43 -26.51 -23.72
N THR A 438 -14.65 -26.17 -23.30
CA THR A 438 -14.92 -24.93 -22.60
C THR A 438 -15.20 -25.16 -21.12
N GLY A 439 -14.35 -24.57 -20.27
CA GLY A 439 -14.54 -24.63 -18.83
C GLY A 439 -15.76 -23.82 -18.40
N SER A 440 -16.24 -24.10 -17.19
CA SER A 440 -17.40 -23.40 -16.63
C SER A 440 -17.09 -21.93 -16.37
N ALA A 441 -18.14 -21.12 -16.35
CA ALA A 441 -18.03 -19.70 -16.04
C ALA A 441 -18.08 -19.49 -14.53
N PRO A 442 -16.95 -19.09 -13.92
CA PRO A 442 -16.95 -18.87 -12.48
C PRO A 442 -17.81 -17.67 -12.12
N ALA A 443 -18.37 -17.68 -10.92
CA ALA A 443 -19.17 -16.56 -10.41
C ALA A 443 -18.29 -15.31 -10.24
N ALA A 444 -18.94 -14.15 -10.16
CA ALA A 444 -18.24 -12.89 -9.94
C ALA A 444 -17.50 -12.91 -8.60
N PRO A 445 -16.27 -12.36 -8.56
CA PRO A 445 -15.54 -12.26 -7.30
C PRO A 445 -16.12 -11.17 -6.40
N THR A 446 -15.62 -11.08 -5.16
CA THR A 446 -16.02 -10.01 -4.26
C THR A 446 -15.59 -8.66 -4.85
N ASN A 447 -16.52 -7.72 -4.90
CA ASN A 447 -16.23 -6.40 -5.46
C ASN A 447 -15.54 -5.53 -4.41
N LEU A 448 -14.32 -5.07 -4.73
CA LEU A 448 -13.56 -4.21 -3.81
C LEU A 448 -13.93 -2.72 -3.94
N ASP A 449 -14.80 -2.41 -4.90
CA ASP A 449 -15.39 -1.06 -5.06
C ASP A 449 -14.38 0.08 -5.19
N SER A 450 -13.28 -0.16 -5.91
CA SER A 450 -12.33 0.89 -6.23
C SER A 450 -11.47 0.54 -7.43
N ARG A 451 -10.96 1.57 -8.09
CA ARG A 451 -10.00 1.38 -9.16
C ARG A 451 -8.67 0.91 -8.55
N GLY A 452 -7.84 0.27 -9.37
CA GLY A 452 -6.58 -0.29 -8.88
C GLY A 452 -5.54 -0.35 -9.97
N VAL A 453 -5.82 -1.13 -11.02
CA VAL A 453 -4.87 -1.33 -12.12
C VAL A 453 -4.51 -0.03 -12.85
N THR A 454 -5.42 0.95 -12.81
CA THR A 454 -5.19 2.24 -13.45
C THR A 454 -4.52 3.25 -12.50
N ARG A 455 -4.33 2.85 -11.25
CA ARG A 455 -3.78 3.73 -10.22
C ARG A 455 -2.59 3.09 -9.48
N GLY A 456 -1.81 2.29 -10.19
CA GLY A 456 -0.56 1.72 -9.68
C GLY A 456 -0.65 0.64 -8.62
N ALA A 457 -1.82 -0.01 -8.52
CA ALA A 457 -2.04 -1.05 -7.51
C ALA A 457 -2.37 -2.42 -8.15
N TYR A 458 -2.20 -3.48 -7.36
CA TYR A 458 -2.39 -4.86 -7.84
C TYR A 458 -2.78 -5.83 -6.73
N ARG A 459 -2.61 -5.41 -5.47
CA ARG A 459 -2.85 -6.29 -4.32
C ARG A 459 -4.33 -6.41 -3.96
N GLY A 460 -4.98 -7.44 -4.52
CA GLY A 460 -6.37 -7.72 -4.21
C GLY A 460 -6.52 -8.98 -3.38
N LEU A 461 -7.63 -9.68 -3.58
CA LEU A 461 -7.92 -10.90 -2.84
C LEU A 461 -7.20 -12.13 -3.39
N GLY A 462 -6.50 -11.97 -4.52
CA GLY A 462 -5.70 -13.04 -5.11
C GLY A 462 -6.48 -14.30 -5.45
N GLU A 463 -7.61 -14.12 -6.12
CA GLU A 463 -8.46 -15.23 -6.55
C GLU A 463 -7.73 -16.18 -7.50
N VAL A 464 -7.91 -17.48 -7.29
CA VAL A 464 -7.30 -18.50 -8.13
C VAL A 464 -8.40 -19.34 -8.77
N TYR A 465 -8.29 -19.56 -10.08
CA TYR A 465 -9.31 -20.27 -10.85
C TYR A 465 -8.75 -21.53 -11.51
N ASP A 466 -9.24 -22.68 -11.07
CA ASP A 466 -8.82 -23.97 -11.61
C ASP A 466 -9.82 -24.48 -12.65
N VAL A 467 -9.30 -24.99 -13.76
CA VAL A 467 -10.13 -25.64 -14.78
C VAL A 467 -9.67 -27.09 -14.93
N SER A 468 -10.57 -28.01 -14.66
CA SER A 468 -10.29 -29.44 -14.82
C SER A 468 -10.36 -29.81 -16.30
N ILE A 469 -9.24 -30.33 -16.82
CA ILE A 469 -9.15 -30.75 -18.22
C ILE A 469 -9.19 -32.27 -18.30
N PRO A 470 -10.21 -32.83 -18.98
CA PRO A 470 -10.36 -34.28 -19.07
C PRO A 470 -9.26 -34.91 -19.93
N SER A 471 -8.93 -36.17 -19.63
CA SER A 471 -7.98 -36.94 -20.43
C SER A 471 -8.42 -36.97 -21.90
N GLY A 472 -7.45 -36.82 -22.81
CA GLY A 472 -7.73 -36.83 -24.24
C GLY A 472 -8.19 -35.51 -24.84
N THR A 473 -8.26 -34.46 -24.01
CA THR A 473 -8.57 -33.12 -24.50
C THR A 473 -7.29 -32.43 -24.96
N ILE A 474 -6.22 -32.61 -24.18
CA ILE A 474 -4.88 -32.22 -24.62
C ILE A 474 -4.45 -33.25 -25.67
N VAL A 475 -3.85 -32.77 -26.76
CA VAL A 475 -3.39 -33.63 -27.85
C VAL A 475 -1.88 -33.53 -28.05
N ALA A 476 -1.30 -34.56 -28.65
CA ALA A 476 0.11 -34.55 -29.03
C ALA A 476 0.32 -33.50 -30.12
N GLY A 477 1.29 -32.62 -29.92
CA GLY A 477 1.53 -31.50 -30.84
C GLY A 477 1.01 -30.19 -30.29
N THR A 478 0.53 -29.32 -31.16
CA THR A 478 0.09 -27.99 -30.76
C THR A 478 -1.29 -27.98 -30.11
N ASN A 479 -1.40 -27.24 -29.01
CA ASN A 479 -2.67 -27.01 -28.33
C ASN A 479 -2.93 -25.51 -28.18
N THR A 480 -4.19 -25.15 -27.98
CA THR A 480 -4.58 -23.75 -27.84
C THR A 480 -5.43 -23.53 -26.59
N ILE A 481 -5.00 -22.58 -25.77
CA ILE A 481 -5.76 -22.12 -24.62
C ILE A 481 -6.19 -20.67 -24.84
N THR A 482 -7.49 -20.42 -24.66
CA THR A 482 -8.04 -19.07 -24.74
C THR A 482 -8.54 -18.64 -23.36
N ILE A 483 -8.01 -17.53 -22.86
CA ILE A 483 -8.48 -16.97 -21.58
C ILE A 483 -9.27 -15.69 -21.83
N ASN A 484 -10.59 -15.80 -21.67
CA ASN A 484 -11.50 -14.66 -21.78
C ASN A 484 -11.83 -14.12 -20.40
N VAL A 485 -11.83 -12.79 -20.26
CA VAL A 485 -12.40 -12.20 -19.05
C VAL A 485 -13.89 -11.99 -19.26
N ILE A 486 -14.67 -12.52 -18.32
CA ILE A 486 -16.13 -12.40 -18.36
C ILE A 486 -16.64 -11.53 -17.21
N SER A 487 -17.81 -10.93 -17.43
CA SER A 487 -18.51 -10.13 -16.42
C SER A 487 -19.78 -9.54 -17.02
N GLY A 488 -20.79 -9.35 -16.16
CA GLY A 488 -22.03 -8.68 -16.58
C GLY A 488 -21.87 -7.18 -16.70
N SER A 489 -20.76 -6.66 -16.18
CA SER A 489 -20.50 -5.22 -16.17
C SER A 489 -19.81 -4.74 -17.45
N SER A 490 -19.81 -3.44 -17.65
CA SER A 490 -19.22 -2.81 -18.83
C SER A 490 -18.40 -1.59 -18.42
N GLY A 491 -17.48 -1.19 -19.30
CA GLY A 491 -16.67 0.00 -19.10
C GLY A 491 -15.86 0.40 -20.33
N ASP A 492 -15.42 1.66 -20.36
CA ASP A 492 -14.56 2.18 -21.41
C ASP A 492 -13.11 1.76 -21.17
N THR A 493 -12.46 1.26 -22.22
CA THR A 493 -11.06 0.83 -22.20
C THR A 493 -10.61 0.16 -20.89
N TYR A 494 -9.73 0.83 -20.15
CA TYR A 494 -9.11 0.24 -18.96
C TYR A 494 -10.03 0.16 -17.75
N LEU A 495 -11.21 0.76 -17.88
CA LEU A 495 -12.25 0.64 -16.86
C LEU A 495 -13.29 -0.44 -17.19
N SER A 496 -13.08 -1.16 -18.29
CA SER A 496 -13.85 -2.37 -18.55
C SER A 496 -13.43 -3.45 -17.54
N PRO A 497 -14.31 -4.43 -17.27
CA PRO A 497 -13.96 -5.50 -16.34
C PRO A 497 -12.62 -6.16 -16.68
N ASN A 498 -11.82 -6.41 -15.66
CA ASN A 498 -10.47 -6.92 -15.86
C ASN A 498 -9.93 -7.63 -14.62
N PHE A 499 -8.83 -8.34 -14.79
CA PHE A 499 -8.04 -8.83 -13.67
C PHE A 499 -6.55 -8.83 -14.01
N ILE A 500 -5.74 -8.79 -12.96
CA ILE A 500 -4.28 -8.83 -13.08
C ILE A 500 -3.81 -10.27 -12.81
N PHE A 501 -2.94 -10.78 -13.68
CA PHE A 501 -2.40 -12.13 -13.54
C PHE A 501 -1.34 -12.24 -12.45
N ASP A 502 -1.34 -13.40 -11.78
CA ASP A 502 -0.28 -13.80 -10.86
C ASP A 502 0.58 -14.85 -11.56
N CYS A 503 -0.05 -15.96 -11.95
CA CYS A 503 0.64 -17.10 -12.54
C CYS A 503 -0.37 -17.96 -13.28
N VAL A 504 0.05 -18.51 -14.42
CA VAL A 504 -0.76 -19.47 -15.16
C VAL A 504 0.03 -20.79 -15.27
N GLU A 505 -0.53 -21.85 -14.71
CA GLU A 505 0.16 -23.15 -14.71
C GLU A 505 -0.74 -24.29 -15.16
N LEU A 506 -0.21 -25.10 -16.08
CA LEU A 506 -0.86 -26.33 -16.48
C LEU A 506 -0.07 -27.50 -15.90
N PHE A 507 -0.73 -28.29 -15.06
CA PHE A 507 -0.08 -29.40 -14.37
C PHE A 507 -0.94 -30.66 -14.32
N GLN A 508 -0.31 -31.80 -14.07
CA GLN A 508 -0.97 -33.11 -14.01
C GLN A 508 -0.63 -33.84 -12.71
CA CA B . 3.36 -13.86 -10.10
S SO4 C . 19.51 19.27 8.52
O1 SO4 C . 18.72 20.48 8.76
O2 SO4 C . 19.65 19.06 7.07
O3 SO4 C . 20.83 19.44 9.11
O4 SO4 C . 18.84 18.12 9.11
S SO4 D . -19.95 -4.84 -23.05
O1 SO4 D . -20.18 -3.40 -23.07
O2 SO4 D . -18.92 -5.16 -22.05
O3 SO4 D . -21.19 -5.53 -22.70
O4 SO4 D . -19.50 -5.29 -24.36
S SO4 E . -22.08 -11.03 -13.24
O1 SO4 E . -23.14 -10.39 -14.01
O2 SO4 E . -22.02 -12.45 -13.62
O3 SO4 E . -20.79 -10.39 -13.52
O4 SO4 E . -22.37 -10.91 -11.82
S SO4 F . -8.85 18.74 -0.36
O1 SO4 F . -7.50 18.26 -0.61
O2 SO4 F . -9.82 17.80 -0.92
O3 SO4 F . -9.05 18.86 1.07
O4 SO4 F . -9.03 20.05 -0.99
#